data_8OHC
#
_entry.id   8OHC
#
_cell.length_a   118.730
_cell.length_b   39.330
_cell.length_c   68.200
_cell.angle_alpha   90.000
_cell.angle_beta   95.130
_cell.angle_gamma   90.000
#
_symmetry.space_group_name_H-M   'C 1 2 1'
#
loop_
_entity.id
_entity.type
_entity.pdbx_description
1 polymer 'Cyclic di-AMP synthase CdaA'
2 non-polymer 6-azanyl-3-methyl-1,3-benzoxazol-2-one
3 non-polymer 'MAGNESIUM ION'
4 water water
#
_entity_poly.entity_id   1
_entity_poly.type   'polypeptide(L)'
_entity_poly.pdbx_seq_one_letter_code
;GPTPVEEAQQKTIEAITKAINYMAKRRIGALLTIERDTGMGDYIETGIPLNAKVSSELLINIFIPNTPLHDGAVIMKNNE
IAAAACYLPLSESPFISKELGTRHRAAVGISEVTDSLTIIVSEETGGVSVAKNGDLHRELTEEALKEMLEAEFK
;
_entity_poly.pdbx_strand_id   A,B
#
# COMPACT_ATOMS: atom_id res chain seq x y z
N PRO A 2 20.41 -3.11 -22.21
CA PRO A 2 18.96 -2.90 -22.17
C PRO A 2 18.55 -1.44 -22.29
N THR A 3 17.39 -1.17 -22.89
CA THR A 3 16.85 0.18 -22.95
C THR A 3 16.14 0.50 -21.63
N PRO A 4 15.85 1.79 -21.39
CA PRO A 4 15.09 2.13 -20.19
C PRO A 4 13.78 1.36 -20.05
N VAL A 5 13.04 1.20 -21.14
CA VAL A 5 11.73 0.54 -21.05
C VAL A 5 11.91 -0.94 -20.72
N GLU A 6 12.92 -1.57 -21.31
CA GLU A 6 13.21 -2.96 -20.99
C GLU A 6 13.64 -3.12 -19.54
N GLU A 7 14.51 -2.23 -19.05
CA GLU A 7 14.93 -2.32 -17.66
C GLU A 7 13.76 -2.15 -16.71
N ALA A 8 12.83 -1.25 -17.05
CA ALA A 8 11.66 -1.03 -16.22
C ALA A 8 10.77 -2.26 -16.19
N GLN A 9 10.55 -2.90 -17.34
CA GLN A 9 9.74 -4.11 -17.39
C GLN A 9 10.38 -5.22 -16.56
N GLN A 10 11.70 -5.39 -16.65
CA GLN A 10 12.33 -6.44 -15.86
C GLN A 10 12.24 -6.15 -14.36
N LYS A 11 12.41 -4.89 -13.96
CA LYS A 11 12.26 -4.54 -12.54
C LYS A 11 10.86 -4.87 -12.03
N THR A 12 9.83 -4.60 -12.84
CA THR A 12 8.46 -4.92 -12.44
C THR A 12 8.26 -6.43 -12.32
N ILE A 13 8.79 -7.20 -13.27
CA ILE A 13 8.69 -8.66 -13.19
C ILE A 13 9.34 -9.16 -11.90
N GLU A 14 10.53 -8.64 -11.59
CA GLU A 14 11.22 -9.07 -10.38
C GLU A 14 10.43 -8.70 -9.13
N ALA A 15 9.79 -7.53 -9.13
CA ALA A 15 9.00 -7.12 -7.96
C ALA A 15 7.81 -8.05 -7.78
N ILE A 16 7.13 -8.37 -8.88
CA ILE A 16 5.98 -9.27 -8.82
C ILE A 16 6.41 -10.63 -8.32
N THR A 17 7.45 -11.20 -8.92
CA THR A 17 7.81 -12.57 -8.54
C THR A 17 8.26 -12.64 -7.08
N LYS A 18 8.97 -11.61 -6.60
CA LYS A 18 9.37 -11.60 -5.20
C LYS A 18 8.15 -11.57 -4.28
N ALA A 19 7.15 -10.75 -4.61
CA ALA A 19 5.96 -10.68 -3.78
C ALA A 19 5.19 -12.00 -3.83
N ILE A 20 5.04 -12.57 -5.03
CA ILE A 20 4.32 -13.83 -5.16
C ILE A 20 4.99 -14.94 -4.36
N ASN A 21 6.33 -15.02 -4.40
CA ASN A 21 7.03 -16.05 -3.65
C ASN A 21 6.80 -15.91 -2.14
N TYR A 22 6.84 -14.67 -1.63
CA TYR A 22 6.60 -14.42 -0.21
C TYR A 22 5.21 -14.88 0.17
N MET A 23 4.21 -14.53 -0.65
CA MET A 23 2.84 -14.92 -0.36
C MET A 23 2.61 -16.41 -0.49
N ALA A 24 3.23 -17.05 -1.47
CA ALA A 24 3.09 -18.49 -1.61
C ALA A 24 3.63 -19.20 -0.39
N LYS A 25 4.80 -18.78 0.10
CA LYS A 25 5.40 -19.41 1.29
C LYS A 25 4.49 -19.30 2.51
N ARG A 26 3.77 -18.18 2.66
CA ARG A 26 2.94 -17.92 3.84
C ARG A 26 1.47 -18.26 3.59
N ARG A 27 1.15 -18.78 2.40
CA ARG A 27 -0.22 -19.13 2.03
C ARG A 27 -1.16 -17.94 2.21
N ILE A 28 -0.70 -16.80 1.71
CA ILE A 28 -1.50 -15.57 1.67
C ILE A 28 -2.21 -15.52 0.33
N GLY A 29 -3.54 -15.51 0.35
CA GLY A 29 -4.29 -15.44 -0.88
C GLY A 29 -4.06 -14.12 -1.60
N ALA A 30 -3.91 -14.17 -2.91
CA ALA A 30 -3.62 -12.97 -3.68
C ALA A 30 -4.22 -13.11 -5.06
N LEU A 31 -4.53 -11.96 -5.66
CA LEU A 31 -5.17 -11.89 -6.96
C LEU A 31 -4.65 -10.62 -7.63
N LEU A 32 -3.88 -10.79 -8.69
CA LEU A 32 -3.14 -9.71 -9.33
C LEU A 32 -3.32 -9.82 -10.84
N THR A 33 -4.04 -8.85 -11.41
CA THR A 33 -4.34 -8.83 -12.84
C THR A 33 -3.52 -7.75 -13.51
N ILE A 34 -2.86 -8.12 -14.61
CA ILE A 34 -2.06 -7.20 -15.39
C ILE A 34 -2.83 -6.88 -16.67
N GLU A 35 -3.27 -5.63 -16.79
CA GLU A 35 -3.99 -5.18 -17.98
C GLU A 35 -3.05 -5.21 -19.18
N ARG A 36 -3.58 -5.64 -20.33
CA ARG A 36 -2.82 -5.69 -21.57
C ARG A 36 -3.53 -4.81 -22.59
N ASP A 37 -3.91 -5.34 -23.76
CA ASP A 37 -4.50 -4.49 -24.78
C ASP A 37 -5.96 -4.17 -24.51
N THR A 38 -6.69 -5.08 -23.87
CA THR A 38 -8.10 -4.82 -23.57
C THR A 38 -8.17 -3.91 -22.33
N GLY A 39 -8.78 -2.74 -22.48
CA GLY A 39 -8.87 -1.83 -21.35
C GLY A 39 -9.74 -2.38 -20.24
N MET A 40 -9.31 -2.12 -19.01
CA MET A 40 -9.99 -2.64 -17.82
C MET A 40 -10.42 -1.52 -16.89
N GLY A 41 -10.65 -0.34 -17.46
CA GLY A 41 -11.01 0.79 -16.62
C GLY A 41 -12.26 0.55 -15.80
N ASP A 42 -13.24 -0.17 -16.35
CA ASP A 42 -14.47 -0.40 -15.61
C ASP A 42 -14.21 -1.21 -14.35
N TYR A 43 -13.26 -2.14 -14.40
CA TYR A 43 -12.91 -2.91 -13.20
C TYR A 43 -12.01 -2.12 -12.27
N ILE A 44 -11.05 -1.36 -12.81
CA ILE A 44 -10.20 -0.52 -11.99
C ILE A 44 -11.05 0.42 -11.14
N GLU A 45 -12.13 0.95 -11.71
CA GLU A 45 -12.94 1.93 -11.02
C GLU A 45 -13.70 1.34 -9.84
N THR A 46 -13.81 0.01 -9.74
CA THR A 46 -14.50 -0.59 -8.61
C THR A 46 -13.65 -0.66 -7.36
N GLY A 47 -12.33 -0.49 -7.47
CA GLY A 47 -11.44 -0.62 -6.35
C GLY A 47 -11.04 0.70 -5.72
N ILE A 48 -10.03 0.63 -4.87
CA ILE A 48 -9.45 1.79 -4.21
C ILE A 48 -8.32 2.31 -5.11
N PRO A 49 -8.39 3.55 -5.60
CA PRO A 49 -7.32 4.06 -6.45
C PRO A 49 -6.00 4.16 -5.70
N LEU A 50 -4.93 3.68 -6.35
CA LEU A 50 -3.56 3.83 -5.89
C LEU A 50 -2.68 4.59 -6.87
N ASN A 51 -2.68 4.21 -8.14
CA ASN A 51 -1.73 4.73 -9.13
C ASN A 51 -0.31 4.80 -8.54
N ALA A 52 0.14 3.69 -7.99
CA ALA A 52 1.36 3.61 -7.23
C ALA A 52 2.48 2.92 -7.99
N LYS A 53 3.71 3.33 -7.70
CA LYS A 53 4.87 2.59 -8.19
C LYS A 53 4.80 1.15 -7.68
N VAL A 54 5.20 0.22 -8.54
CA VAL A 54 5.27 -1.18 -8.13
C VAL A 54 6.48 -1.37 -7.22
N SER A 55 6.29 -2.12 -6.14
CA SER A 55 7.39 -2.68 -5.37
C SER A 55 6.91 -4.00 -4.81
N SER A 56 7.83 -4.92 -4.53
CA SER A 56 7.42 -6.16 -3.85
C SER A 56 6.82 -5.84 -2.49
N GLU A 57 7.39 -4.85 -1.80
CA GLU A 57 6.91 -4.46 -0.48
C GLU A 57 5.46 -4.01 -0.51
N LEU A 58 5.10 -3.13 -1.45
CA LEU A 58 3.73 -2.66 -1.50
C LEU A 58 2.78 -3.81 -1.87
N LEU A 59 3.15 -4.65 -2.83
CA LEU A 59 2.29 -5.78 -3.19
C LEU A 59 2.03 -6.66 -1.95
N ILE A 60 3.07 -6.99 -1.20
CA ILE A 60 2.89 -7.80 0.01
C ILE A 60 1.96 -7.08 0.99
N ASN A 61 2.24 -5.80 1.26
CA ASN A 61 1.42 -5.09 2.25
C ASN A 61 -0.05 -5.05 1.85
N ILE A 62 -0.33 -4.97 0.54
CA ILE A 62 -1.72 -4.92 0.08
C ILE A 62 -2.48 -6.19 0.47
N PHE A 63 -1.86 -7.36 0.30
CA PHE A 63 -2.55 -8.64 0.44
C PHE A 63 -2.55 -9.22 1.86
N ILE A 64 -2.01 -8.52 2.84
CA ILE A 64 -1.99 -9.11 4.19
C ILE A 64 -3.42 -9.43 4.64
N PRO A 65 -3.68 -10.61 5.19
CA PRO A 65 -5.06 -10.97 5.51
C PRO A 65 -5.67 -10.02 6.54
N ASN A 66 -6.99 -9.84 6.43
CA ASN A 66 -7.79 -9.03 7.35
C ASN A 66 -7.34 -7.57 7.41
N THR A 67 -6.98 -7.02 6.26
CA THR A 67 -6.64 -5.61 6.11
C THR A 67 -7.60 -4.99 5.10
N PRO A 68 -7.66 -3.66 5.05
CA PRO A 68 -8.64 -3.03 4.14
C PRO A 68 -8.45 -3.42 2.68
N LEU A 69 -7.23 -3.61 2.21
CA LEU A 69 -7.01 -3.76 0.78
C LEU A 69 -6.93 -5.20 0.29
N HIS A 70 -7.00 -6.20 1.16
CA HIS A 70 -6.68 -7.56 0.74
C HIS A 70 -7.80 -8.25 -0.02
N ASP A 71 -9.04 -7.78 0.10
CA ASP A 71 -10.20 -8.45 -0.49
C ASP A 71 -10.44 -7.90 -1.89
N GLY A 72 -10.21 -8.71 -2.90
CA GLY A 72 -10.37 -8.28 -4.27
C GLY A 72 -9.03 -8.26 -5.00
N ALA A 73 -9.07 -7.77 -6.23
CA ALA A 73 -7.91 -7.86 -7.10
C ALA A 73 -7.12 -6.56 -7.10
N VAL A 74 -5.80 -6.69 -7.17
CA VAL A 74 -4.94 -5.61 -7.61
C VAL A 74 -4.93 -5.63 -9.13
N ILE A 75 -5.08 -4.46 -9.75
CA ILE A 75 -4.98 -4.35 -11.21
C ILE A 75 -3.81 -3.44 -11.52
N MET A 76 -2.88 -3.93 -12.33
CA MET A 76 -1.73 -3.17 -12.77
C MET A 76 -1.96 -2.72 -14.20
N LYS A 77 -1.48 -1.51 -14.51
CA LYS A 77 -1.66 -0.88 -15.80
C LYS A 77 -0.51 0.10 -15.99
N ASN A 78 0.10 0.08 -17.16
CA ASN A 78 1.18 1.01 -17.49
C ASN A 78 2.29 1.01 -16.43
N ASN A 79 2.64 -0.18 -15.95
CA ASN A 79 3.79 -0.37 -15.04
C ASN A 79 3.55 0.24 -13.66
N GLU A 80 2.29 0.38 -13.26
CA GLU A 80 1.93 0.90 -11.95
C GLU A 80 0.81 0.04 -11.41
N ILE A 81 0.61 0.12 -10.09
CA ILE A 81 -0.55 -0.47 -9.45
C ILE A 81 -1.68 0.54 -9.56
N ALA A 82 -2.66 0.26 -10.42
CA ALA A 82 -3.73 1.23 -10.65
C ALA A 82 -4.67 1.29 -9.45
N ALA A 83 -5.11 0.14 -8.96
CA ALA A 83 -6.08 0.07 -7.88
C ALA A 83 -5.97 -1.28 -7.20
N ALA A 84 -6.45 -1.33 -5.96
CA ALA A 84 -6.55 -2.56 -5.18
C ALA A 84 -7.99 -2.79 -4.77
N ALA A 85 -8.27 -4.00 -4.31
CA ALA A 85 -9.61 -4.39 -3.86
C ALA A 85 -10.65 -4.23 -4.95
N CYS A 86 -10.28 -4.57 -6.18
CA CYS A 86 -11.16 -4.43 -7.32
C CYS A 86 -12.01 -5.68 -7.51
N TYR A 87 -13.21 -5.45 -8.04
CA TYR A 87 -14.09 -6.51 -8.49
C TYR A 87 -13.60 -7.09 -9.82
N LEU A 88 -13.67 -8.41 -9.94
CA LEU A 88 -13.52 -9.11 -11.20
C LEU A 88 -14.71 -10.05 -11.35
N PRO A 89 -15.14 -10.32 -12.58
CA PRO A 89 -16.32 -11.17 -12.79
C PRO A 89 -15.98 -12.63 -12.54
N LEU A 90 -16.90 -13.34 -11.88
CA LEU A 90 -16.71 -14.76 -11.60
C LEU A 90 -17.01 -15.60 -12.83
N SER A 91 -16.05 -16.46 -13.20
CA SER A 91 -16.30 -17.40 -14.29
C SER A 91 -17.38 -18.40 -13.92
N GLU A 92 -18.15 -18.81 -14.92
CA GLU A 92 -19.10 -19.90 -14.79
C GLU A 92 -18.59 -21.15 -15.49
N SER A 93 -17.30 -21.19 -15.83
CA SER A 93 -16.76 -22.32 -16.57
C SER A 93 -16.90 -23.57 -15.73
N PRO A 94 -17.44 -24.66 -16.27
CA PRO A 94 -17.47 -25.92 -15.51
C PRO A 94 -16.15 -26.66 -15.50
N PHE A 95 -15.10 -26.09 -16.06
CA PHE A 95 -13.83 -26.80 -16.27
C PHE A 95 -12.71 -26.30 -15.39
N ILE A 96 -13.05 -25.58 -14.34
CA ILE A 96 -12.11 -25.17 -13.30
C ILE A 96 -12.16 -26.25 -12.23
N SER A 97 -11.00 -26.59 -11.68
CA SER A 97 -10.93 -27.58 -10.62
C SER A 97 -11.93 -27.25 -9.52
N LYS A 98 -12.70 -28.25 -9.11
CA LYS A 98 -13.82 -28.02 -8.20
C LYS A 98 -13.37 -27.64 -6.79
N GLU A 99 -12.10 -27.90 -6.44
CA GLU A 99 -11.64 -27.52 -5.11
C GLU A 99 -11.32 -26.03 -5.00
N LEU A 100 -11.29 -25.30 -6.10
CA LEU A 100 -10.86 -23.91 -6.09
C LEU A 100 -12.04 -22.98 -5.85
N GLY A 101 -11.76 -21.85 -5.20
CA GLY A 101 -12.76 -20.93 -4.78
C GLY A 101 -12.82 -19.67 -5.61
N THR A 102 -13.35 -18.61 -4.99
CA THR A 102 -13.77 -17.46 -5.79
C THR A 102 -12.58 -16.68 -6.35
N ARG A 103 -11.44 -16.66 -5.67
CA ARG A 103 -10.27 -15.97 -6.21
C ARG A 103 -9.92 -16.52 -7.60
N HIS A 104 -9.88 -17.84 -7.71
CA HIS A 104 -9.54 -18.47 -8.97
C HIS A 104 -10.64 -18.28 -9.99
N ARG A 105 -11.90 -18.34 -9.56
CA ARG A 105 -12.99 -18.12 -10.50
C ARG A 105 -13.01 -16.67 -11.00
N ALA A 106 -12.66 -15.72 -10.13
CA ALA A 106 -12.58 -14.33 -10.57
C ALA A 106 -11.46 -14.13 -11.58
N ALA A 107 -10.31 -14.76 -11.34
CA ALA A 107 -9.20 -14.66 -12.28
C ALA A 107 -9.57 -15.26 -13.65
N VAL A 108 -10.17 -16.45 -13.66
CA VAL A 108 -10.57 -17.04 -14.93
C VAL A 108 -11.61 -16.15 -15.58
N GLY A 109 -12.53 -15.60 -14.78
CA GLY A 109 -13.59 -14.77 -15.33
C GLY A 109 -13.06 -13.56 -16.08
N ILE A 110 -12.13 -12.82 -15.47
CA ILE A 110 -11.61 -11.66 -16.20
C ILE A 110 -10.84 -12.11 -17.43
N SER A 111 -10.16 -13.26 -17.34
CA SER A 111 -9.41 -13.76 -18.49
C SER A 111 -10.31 -14.19 -19.65
N GLU A 112 -11.60 -14.40 -19.42
CA GLU A 112 -12.52 -14.81 -20.49
C GLU A 112 -12.93 -13.64 -21.37
N VAL A 113 -12.79 -12.40 -20.87
CA VAL A 113 -13.33 -11.22 -21.53
C VAL A 113 -12.27 -10.14 -21.76
N THR A 114 -11.01 -10.47 -21.50
CA THR A 114 -9.89 -9.58 -21.71
C THR A 114 -8.69 -10.43 -22.11
N ASP A 115 -7.65 -9.78 -22.61
CA ASP A 115 -6.38 -10.43 -22.87
C ASP A 115 -5.41 -10.30 -21.69
N SER A 116 -5.93 -10.02 -20.50
CA SER A 116 -5.06 -9.76 -19.35
C SER A 116 -4.43 -11.07 -18.87
N LEU A 117 -3.42 -10.93 -18.00
CA LEU A 117 -2.80 -12.06 -17.33
C LEU A 117 -3.05 -11.87 -15.84
N THR A 118 -3.61 -12.87 -15.18
CA THR A 118 -3.87 -12.77 -13.75
C THR A 118 -3.09 -13.84 -13.01
N ILE A 119 -2.46 -13.44 -11.92
CA ILE A 119 -1.74 -14.35 -11.03
C ILE A 119 -2.58 -14.55 -9.80
N ILE A 120 -2.67 -15.79 -9.32
CA ILE A 120 -3.42 -16.15 -8.13
C ILE A 120 -2.51 -16.93 -7.19
N VAL A 121 -2.52 -16.55 -5.91
CA VAL A 121 -1.93 -17.39 -4.86
C VAL A 121 -3.07 -17.96 -4.03
N SER A 122 -3.05 -19.28 -3.84
CA SER A 122 -4.07 -19.94 -3.04
C SER A 122 -3.82 -19.76 -1.55
N GLU A 123 -4.86 -19.34 -0.82
CA GLU A 123 -4.76 -19.28 0.63
C GLU A 123 -4.81 -20.66 1.26
N GLU A 124 -5.23 -21.68 0.51
CA GLU A 124 -5.29 -23.01 1.08
C GLU A 124 -3.94 -23.71 1.00
N THR A 125 -3.24 -23.56 -0.11
CA THR A 125 -2.04 -24.34 -0.37
C THR A 125 -0.81 -23.50 -0.63
N GLY A 126 -0.96 -22.21 -0.87
CA GLY A 126 0.14 -21.41 -1.38
C GLY A 126 0.50 -21.69 -2.82
N GLY A 127 -0.28 -22.51 -3.52
CA GLY A 127 -0.02 -22.76 -4.92
C GLY A 127 -0.23 -21.51 -5.75
N VAL A 128 0.58 -21.37 -6.80
CA VAL A 128 0.55 -20.22 -7.70
C VAL A 128 -0.03 -20.66 -9.03
N SER A 129 -0.95 -19.87 -9.56
CA SER A 129 -1.56 -20.17 -10.84
C SER A 129 -1.70 -18.88 -11.64
N VAL A 130 -1.92 -19.04 -12.95
CA VAL A 130 -2.11 -17.91 -13.85
C VAL A 130 -3.35 -18.19 -14.70
N ALA A 131 -4.20 -17.17 -14.86
CA ALA A 131 -5.34 -17.24 -15.75
C ALA A 131 -5.10 -16.36 -16.97
N LYS A 132 -5.35 -16.94 -18.12
CA LYS A 132 -5.23 -16.24 -19.40
C LYS A 132 -6.15 -16.96 -20.39
N ASN A 133 -6.90 -16.19 -21.17
CA ASN A 133 -7.68 -16.74 -22.28
C ASN A 133 -8.76 -17.72 -21.83
N GLY A 134 -9.18 -17.64 -20.57
CA GLY A 134 -10.20 -18.53 -20.05
C GLY A 134 -9.69 -19.81 -19.43
N ASP A 135 -8.38 -20.01 -19.42
CA ASP A 135 -7.76 -21.18 -18.82
C ASP A 135 -6.94 -20.78 -17.60
N LEU A 136 -6.87 -21.72 -16.68
CA LEU A 136 -6.10 -21.61 -15.47
C LEU A 136 -4.94 -22.60 -15.54
N HIS A 137 -3.74 -22.08 -15.36
CA HIS A 137 -2.50 -22.87 -15.36
C HIS A 137 -2.02 -22.98 -13.93
N ARG A 138 -2.09 -24.18 -13.36
CA ARG A 138 -1.96 -24.36 -11.93
C ARG A 138 -0.58 -24.87 -11.55
N GLU A 139 -0.28 -24.72 -10.26
CA GLU A 139 0.88 -25.32 -9.61
C GLU A 139 2.16 -24.96 -10.34
N LEU A 140 2.34 -23.65 -10.50
CA LEU A 140 3.48 -23.14 -11.22
C LEU A 140 4.70 -23.07 -10.33
N THR A 141 5.85 -23.40 -10.91
CA THR A 141 7.13 -23.12 -10.29
C THR A 141 7.45 -21.64 -10.45
N GLU A 142 8.45 -21.17 -9.71
CA GLU A 142 8.89 -19.80 -9.90
C GLU A 142 9.36 -19.57 -11.34
N GLU A 143 10.08 -20.55 -11.89
CA GLU A 143 10.58 -20.41 -13.25
C GLU A 143 9.43 -20.28 -14.24
N ALA A 144 8.37 -21.08 -14.05
CA ALA A 144 7.24 -21.05 -14.96
C ALA A 144 6.52 -19.71 -14.92
N LEU A 145 6.31 -19.17 -13.72
CA LEU A 145 5.67 -17.86 -13.63
C LEU A 145 6.52 -16.80 -14.33
N LYS A 146 7.83 -16.82 -14.10
CA LYS A 146 8.70 -15.85 -14.74
C LYS A 146 8.61 -15.96 -16.27
N GLU A 147 8.63 -17.20 -16.78
CA GLU A 147 8.50 -17.40 -18.21
C GLU A 147 7.20 -16.82 -18.74
N MET A 148 6.11 -16.98 -17.99
CA MET A 148 4.82 -16.45 -18.45
C MET A 148 4.84 -14.93 -18.45
N LEU A 149 5.42 -14.32 -17.41
CA LEU A 149 5.49 -12.87 -17.36
C LEU A 149 6.36 -12.34 -18.50
N GLU A 150 7.48 -13.01 -18.78
CA GLU A 150 8.34 -12.54 -19.87
C GLU A 150 7.69 -12.75 -21.23
N ALA A 151 6.95 -13.84 -21.39
CA ALA A 151 6.26 -14.07 -22.66
C ALA A 151 5.17 -13.03 -22.87
N GLU A 152 4.50 -12.67 -21.79
CA GLU A 152 3.41 -11.72 -21.85
C GLU A 152 3.96 -10.38 -22.28
N PRO B 2 -15.55 26.51 -2.59
CA PRO B 2 -14.79 25.27 -2.46
C PRO B 2 -14.09 24.91 -3.76
N THR B 3 -12.82 25.27 -3.90
CA THR B 3 -12.10 24.93 -5.12
C THR B 3 -11.76 23.45 -5.12
N PRO B 4 -11.40 22.90 -6.29
CA PRO B 4 -10.90 21.51 -6.28
C PRO B 4 -9.72 21.30 -5.34
N VAL B 5 -8.80 22.26 -5.23
CA VAL B 5 -7.69 22.13 -4.30
C VAL B 5 -8.21 21.97 -2.88
N GLU B 6 -9.19 22.79 -2.50
CA GLU B 6 -9.72 22.73 -1.14
C GLU B 6 -10.47 21.42 -0.89
N GLU B 7 -11.23 20.95 -1.89
CA GLU B 7 -11.92 19.67 -1.73
C GLU B 7 -10.93 18.52 -1.63
N ALA B 8 -9.86 18.54 -2.44
CA ALA B 8 -8.85 17.50 -2.32
C ALA B 8 -8.21 17.50 -0.95
N GLN B 9 -7.91 18.70 -0.42
CA GLN B 9 -7.32 18.75 0.91
C GLN B 9 -8.28 18.15 1.95
N GLN B 10 -9.58 18.44 1.83
CA GLN B 10 -10.53 17.89 2.78
C GLN B 10 -10.59 16.37 2.68
N LYS B 11 -10.55 15.84 1.46
CA LYS B 11 -10.53 14.39 1.28
C LYS B 11 -9.29 13.78 1.92
N THR B 12 -8.14 14.43 1.73
CA THR B 12 -6.91 13.91 2.31
C THR B 12 -6.96 13.93 3.83
N ILE B 13 -7.48 15.02 4.42
CA ILE B 13 -7.61 15.08 5.87
C ILE B 13 -8.53 13.98 6.38
N GLU B 14 -9.64 13.74 5.68
CA GLU B 14 -10.54 12.68 6.12
C GLU B 14 -9.87 11.32 6.04
N ALA B 15 -9.10 11.07 4.97
CA ALA B 15 -8.39 9.80 4.85
C ALA B 15 -7.40 9.63 5.99
N ILE B 16 -6.63 10.68 6.30
CA ILE B 16 -5.63 10.58 7.36
C ILE B 16 -6.31 10.32 8.70
N THR B 17 -7.34 11.11 9.02
CA THR B 17 -7.98 10.98 10.32
C THR B 17 -8.66 9.61 10.48
N LYS B 18 -9.30 9.09 9.42
CA LYS B 18 -9.89 7.77 9.51
C LYS B 18 -8.83 6.71 9.79
N ALA B 19 -7.70 6.79 9.09
CA ALA B 19 -6.62 5.82 9.29
C ALA B 19 -6.06 5.93 10.71
N ILE B 20 -5.74 7.15 11.15
CA ILE B 20 -5.17 7.32 12.48
C ILE B 20 -6.13 6.79 13.54
N ASN B 21 -7.43 7.11 13.41
CA ASN B 21 -8.39 6.66 14.42
C ASN B 21 -8.44 5.13 14.47
N TYR B 22 -8.41 4.47 13.30
CA TYR B 22 -8.42 3.01 13.24
C TYR B 22 -7.18 2.43 13.91
N MET B 23 -6.02 2.99 13.61
CA MET B 23 -4.77 2.45 14.14
C MET B 23 -4.68 2.71 15.65
N ALA B 24 -5.15 3.88 16.11
CA ALA B 24 -5.15 4.18 17.54
C ALA B 24 -5.97 3.14 18.31
N LYS B 25 -7.16 2.82 17.81
CA LYS B 25 -8.03 1.87 18.51
C LYS B 25 -7.38 0.50 18.62
N ARG B 26 -6.55 0.12 17.65
CA ARG B 26 -5.94 -1.19 17.58
C ARG B 26 -4.49 -1.19 18.04
N ARG B 27 -4.01 -0.07 18.56
CA ARG B 27 -2.63 0.03 19.02
C ARG B 27 -1.66 -0.34 17.90
N ILE B 28 -1.96 0.11 16.69
CA ILE B 28 -1.05 -0.07 15.55
C ILE B 28 -0.14 1.15 15.53
N GLY B 29 1.15 0.91 15.79
CA GLY B 29 2.11 2.00 15.76
C GLY B 29 2.21 2.60 14.37
N ALA B 30 2.33 3.92 14.32
CA ALA B 30 2.37 4.60 13.04
C ALA B 30 3.16 5.89 13.18
N LEU B 31 3.73 6.31 12.05
CA LEU B 31 4.60 7.48 12.00
C LEU B 31 4.38 8.08 10.62
N LEU B 32 3.71 9.22 10.57
CA LEU B 32 3.19 9.80 9.33
C LEU B 32 3.56 11.28 9.29
N THR B 33 4.46 11.65 8.39
CA THR B 33 4.96 13.01 8.25
C THR B 33 4.35 13.64 7.01
N ILE B 34 3.77 14.81 7.18
CA ILE B 34 3.19 15.59 6.10
C ILE B 34 4.16 16.71 5.76
N GLU B 35 4.75 16.64 4.58
CA GLU B 35 5.63 17.69 4.10
C GLU B 35 4.84 18.97 3.96
N ARG B 36 5.46 20.09 4.33
CA ARG B 36 4.85 21.40 4.12
C ARG B 36 5.76 22.21 3.20
N ASP B 37 6.26 23.35 3.64
CA ASP B 37 7.00 24.18 2.70
C ASP B 37 8.48 23.82 2.62
N THR B 38 9.03 23.20 3.66
CA THR B 38 10.40 22.70 3.61
C THR B 38 10.41 21.35 2.91
N GLY B 39 11.11 21.26 1.79
CA GLY B 39 11.11 20.03 1.04
C GLY B 39 11.83 18.92 1.79
N MET B 40 11.28 17.71 1.69
CA MET B 40 11.79 16.56 2.40
C MET B 40 12.33 15.47 1.49
N GLY B 41 12.76 15.86 0.29
CA GLY B 41 13.24 14.88 -0.68
C GLY B 41 14.32 13.97 -0.13
N ASP B 42 15.25 14.52 0.66
CA ASP B 42 16.35 13.70 1.16
C ASP B 42 15.83 12.55 1.99
N TYR B 43 14.75 12.77 2.74
CA TYR B 43 14.19 11.71 3.58
C TYR B 43 13.29 10.80 2.77
N ILE B 44 12.51 11.37 1.85
CA ILE B 44 11.67 10.55 0.97
C ILE B 44 12.51 9.50 0.25
N GLU B 45 13.68 9.91 -0.23
CA GLU B 45 14.55 9.04 -1.00
C GLU B 45 15.15 7.88 -0.22
N THR B 46 15.06 7.89 1.13
CA THR B 46 15.53 6.77 1.93
C THR B 46 14.53 5.63 2.01
N GLY B 47 13.27 5.87 1.62
CA GLY B 47 12.21 4.90 1.78
C GLY B 47 11.93 4.14 0.49
N ILE B 48 10.82 3.41 0.52
CA ILE B 48 10.33 2.69 -0.66
C ILE B 48 9.41 3.64 -1.40
N PRO B 49 9.68 3.96 -2.67
CA PRO B 49 8.80 4.89 -3.37
C PRO B 49 7.42 4.30 -3.61
N LEU B 50 6.39 5.09 -3.34
CA LEU B 50 5.02 4.75 -3.67
C LEU B 50 4.41 5.72 -4.65
N ASN B 51 4.51 7.03 -4.38
CA ASN B 51 3.86 8.05 -5.18
C ASN B 51 2.40 7.70 -5.44
N ALA B 52 1.71 7.32 -4.37
CA ALA B 52 0.37 6.77 -4.44
C ALA B 52 -0.68 7.78 -4.02
N LYS B 53 -1.86 7.66 -4.60
CA LYS B 53 -2.99 8.43 -4.14
C LYS B 53 -3.29 8.06 -2.69
N VAL B 54 -3.65 9.04 -1.88
CA VAL B 54 -3.93 8.76 -0.48
C VAL B 54 -5.27 8.03 -0.37
N SER B 55 -5.33 7.09 0.56
CA SER B 55 -6.59 6.54 1.02
C SER B 55 -6.38 6.10 2.46
N SER B 56 -7.47 6.06 3.22
CA SER B 56 -7.35 5.52 4.57
C SER B 56 -6.93 4.06 4.52
N GLU B 57 -7.42 3.33 3.51
CA GLU B 57 -7.13 1.91 3.38
C GLU B 57 -5.62 1.68 3.19
N LEU B 58 -5.00 2.47 2.31
CA LEU B 58 -3.58 2.26 2.04
C LEU B 58 -2.74 2.66 3.26
N LEU B 59 -3.11 3.77 3.93
CA LEU B 59 -2.39 4.16 5.14
C LEU B 59 -2.42 3.05 6.18
N ILE B 60 -3.59 2.46 6.41
CA ILE B 60 -3.70 1.37 7.39
C ILE B 60 -2.86 0.18 6.94
N ASN B 61 -3.02 -0.23 5.66
CA ASN B 61 -2.29 -1.39 5.17
C ASN B 61 -0.78 -1.21 5.35
N ILE B 62 -0.28 0.02 5.20
CA ILE B 62 1.16 0.25 5.30
C ILE B 62 1.70 -0.09 6.69
N PHE B 63 0.96 0.26 7.73
CA PHE B 63 1.48 0.18 9.10
C PHE B 63 1.16 -1.14 9.81
N ILE B 64 0.50 -2.08 9.18
CA ILE B 64 0.21 -3.35 9.84
C ILE B 64 1.50 -3.96 10.38
N PRO B 65 1.55 -4.40 11.63
CA PRO B 65 2.81 -4.91 12.18
C PRO B 65 3.35 -6.10 11.39
N ASN B 66 4.68 -6.23 11.42
CA ASN B 66 5.44 -7.33 10.81
C ASN B 66 5.24 -7.43 9.31
N THR B 67 5.10 -6.29 8.65
CA THR B 67 5.01 -6.25 7.19
C THR B 67 6.18 -5.46 6.62
N PRO B 68 6.46 -5.61 5.33
CA PRO B 68 7.60 -4.89 4.74
C PRO B 68 7.58 -3.38 4.96
N LEU B 69 6.42 -2.73 4.94
CA LEU B 69 6.40 -1.27 4.94
C LEU B 69 6.19 -0.64 6.32
N HIS B 70 6.01 -1.42 7.38
CA HIS B 70 5.50 -0.80 8.60
C HIS B 70 6.53 -0.05 9.43
N ASP B 71 7.81 -0.34 9.28
CA ASP B 71 8.83 0.30 10.11
C ASP B 71 9.38 1.49 9.34
N GLY B 72 9.51 2.61 10.02
CA GLY B 72 9.91 3.85 9.40
C GLY B 72 8.71 4.72 9.13
N ALA B 73 8.98 5.88 8.56
CA ALA B 73 7.97 6.88 8.37
C ALA B 73 7.33 6.79 6.98
N VAL B 74 6.04 7.06 6.94
CA VAL B 74 5.38 7.45 5.71
C VAL B 74 5.55 8.95 5.57
N ILE B 75 5.93 9.39 4.37
CA ILE B 75 6.01 10.81 4.07
C ILE B 75 5.01 11.13 2.98
N MET B 76 4.10 12.05 3.29
CA MET B 76 3.09 12.54 2.37
C MET B 76 3.49 13.88 1.78
N LYS B 77 3.21 14.03 0.50
CA LYS B 77 3.39 15.28 -0.22
C LYS B 77 2.01 15.60 -0.77
N ASN B 78 1.38 16.64 -0.24
CA ASN B 78 0.07 17.10 -0.64
C ASN B 78 -0.89 15.92 -0.57
N ASN B 79 -1.42 15.48 -1.69
CA ASN B 79 -2.43 14.44 -1.71
C ASN B 79 -1.89 13.08 -2.08
N GLU B 80 -0.60 12.88 -1.92
CA GLU B 80 0.03 11.62 -2.26
C GLU B 80 0.86 11.09 -1.10
N ILE B 81 0.92 9.77 -1.02
CA ILE B 81 1.89 9.08 -0.17
C ILE B 81 3.15 8.93 -1.00
N ALA B 82 4.17 9.72 -0.68
CA ALA B 82 5.36 9.73 -1.52
C ALA B 82 6.16 8.45 -1.33
N ALA B 83 6.39 8.03 -0.09
CA ALA B 83 7.24 6.89 0.22
C ALA B 83 6.90 6.40 1.62
N ALA B 84 7.21 5.13 1.86
CA ALA B 84 7.02 4.51 3.16
C ALA B 84 8.36 3.95 3.62
N ALA B 85 8.43 3.62 4.92
CA ALA B 85 9.63 3.02 5.49
C ALA B 85 10.83 3.97 5.37
N CYS B 86 10.56 5.25 5.55
CA CYS B 86 11.60 6.26 5.43
C CYS B 86 12.32 6.50 6.75
N TYR B 87 13.59 6.87 6.63
CA TYR B 87 14.39 7.35 7.75
C TYR B 87 14.03 8.79 8.07
N LEU B 88 13.96 9.10 9.35
CA LEU B 88 13.92 10.45 9.90
C LEU B 88 14.97 10.55 11.00
N PRO B 89 15.53 11.74 11.20
CA PRO B 89 16.55 11.90 12.25
C PRO B 89 15.94 11.85 13.63
N LEU B 90 16.69 11.30 14.59
CA LEU B 90 16.22 11.17 15.95
C LEU B 90 16.53 12.43 16.76
N SER B 91 15.50 12.98 17.39
CA SER B 91 15.72 14.13 18.26
C SER B 91 16.39 13.70 19.56
N GLU B 92 17.21 14.60 20.10
CA GLU B 92 17.79 14.48 21.43
C GLU B 92 17.13 15.41 22.44
N SER B 93 15.95 15.92 22.11
CA SER B 93 15.29 16.88 22.98
C SER B 93 14.99 16.24 24.32
N PRO B 94 15.22 16.94 25.44
CA PRO B 94 14.87 16.38 26.75
C PRO B 94 13.40 16.48 27.09
N PHE B 95 12.58 17.09 26.23
CA PHE B 95 11.15 17.23 26.44
C PHE B 95 10.34 16.13 25.78
N ILE B 96 10.99 15.03 25.42
CA ILE B 96 10.31 13.84 24.94
C ILE B 96 10.19 12.90 26.14
N SER B 97 8.95 12.54 26.48
CA SER B 97 8.71 11.67 27.62
C SER B 97 9.62 10.44 27.53
N LYS B 98 10.25 10.11 28.67
CA LYS B 98 11.32 9.12 28.67
C LYS B 98 10.84 7.74 28.26
N GLU B 99 9.56 7.43 28.47
CA GLU B 99 9.04 6.12 28.11
C GLU B 99 8.81 5.95 26.62
N LEU B 100 8.85 7.02 25.85
CA LEU B 100 8.56 6.93 24.43
C LEU B 100 9.73 6.38 23.64
N GLY B 101 9.39 5.70 22.55
CA GLY B 101 10.35 5.02 21.72
C GLY B 101 10.73 5.78 20.47
N THR B 102 11.25 5.03 19.50
CA THR B 102 11.93 5.66 18.38
C THR B 102 10.99 6.41 17.45
N ARG B 103 9.72 5.99 17.31
CA ARG B 103 8.82 6.71 16.41
C ARG B 103 8.64 8.15 16.88
N HIS B 104 8.46 8.36 18.18
CA HIS B 104 8.27 9.70 18.70
C HIS B 104 9.53 10.53 18.58
N ARG B 105 10.70 9.91 18.81
CA ARG B 105 11.95 10.63 18.69
C ARG B 105 12.25 11.01 17.25
N ALA B 106 11.91 10.13 16.31
CA ALA B 106 12.06 10.43 14.89
C ALA B 106 11.13 11.57 14.47
N ALA B 107 9.89 11.55 14.95
CA ALA B 107 8.94 12.60 14.61
C ALA B 107 9.43 13.95 15.12
N VAL B 108 9.84 14.01 16.39
CA VAL B 108 10.36 15.30 16.88
C VAL B 108 11.60 15.70 16.09
N GLY B 109 12.45 14.71 15.76
CA GLY B 109 13.65 14.98 14.99
C GLY B 109 13.39 15.67 13.67
N ILE B 110 12.46 15.14 12.87
CA ILE B 110 12.19 15.77 11.59
C ILE B 110 11.54 17.13 11.80
N SER B 111 10.78 17.30 12.89
CA SER B 111 10.10 18.56 13.17
C SER B 111 11.08 19.67 13.56
N GLU B 112 12.31 19.31 13.94
CA GLU B 112 13.32 20.28 14.29
C GLU B 112 14.03 20.89 13.08
N VAL B 113 13.91 20.27 11.90
CA VAL B 113 14.68 20.71 10.74
C VAL B 113 13.76 20.93 9.54
N THR B 114 12.46 20.87 9.76
CA THR B 114 11.47 21.14 8.75
C THR B 114 10.26 21.79 9.41
N ASP B 115 9.37 22.35 8.60
CA ASP B 115 8.06 22.82 9.02
C ASP B 115 6.98 21.75 8.86
N SER B 116 7.37 20.49 8.77
CA SER B 116 6.39 19.43 8.55
C SER B 116 5.56 19.20 9.81
N LEU B 117 4.45 18.50 9.63
CA LEU B 117 3.61 18.03 10.74
C LEU B 117 3.67 16.51 10.74
N THR B 118 4.03 15.92 11.86
CA THR B 118 4.12 14.47 11.98
C THR B 118 3.13 13.97 13.01
N ILE B 119 2.41 12.93 12.65
CA ILE B 119 1.46 12.26 13.54
C ILE B 119 2.07 10.93 13.95
N ILE B 120 1.94 10.59 15.24
CA ILE B 120 2.47 9.35 15.78
C ILE B 120 1.34 8.64 16.52
N VAL B 121 1.19 7.34 16.28
CA VAL B 121 0.33 6.48 17.10
C VAL B 121 1.22 5.56 17.92
N SER B 122 1.03 5.56 19.24
CA SER B 122 1.78 4.69 20.13
C SER B 122 1.28 3.26 20.08
N GLU B 123 2.20 2.31 19.87
CA GLU B 123 1.80 0.92 19.92
C GLU B 123 1.62 0.43 21.35
N GLU B 124 2.07 1.20 22.33
CA GLU B 124 1.91 0.81 23.73
C GLU B 124 0.54 1.21 24.26
N THR B 125 0.10 2.42 23.96
CA THR B 125 -1.10 2.96 24.56
C THR B 125 -2.23 3.28 23.58
N GLY B 126 -1.94 3.35 22.28
CA GLY B 126 -2.91 3.87 21.34
C GLY B 126 -3.00 5.38 21.30
N GLY B 127 -2.26 6.07 22.15
CA GLY B 127 -2.32 7.51 22.15
C GLY B 127 -1.78 8.11 20.86
N VAL B 128 -2.37 9.24 20.49
CA VAL B 128 -2.03 9.96 19.27
C VAL B 128 -1.33 11.25 19.65
N SER B 129 -0.22 11.53 18.98
CA SER B 129 0.55 12.73 19.22
C SER B 129 0.95 13.37 17.91
N VAL B 130 1.33 14.64 17.99
CA VAL B 130 1.81 15.40 16.85
C VAL B 130 3.11 16.10 17.21
N ALA B 131 4.07 16.06 16.28
CA ALA B 131 5.32 16.78 16.40
C ALA B 131 5.35 17.90 15.37
N LYS B 132 5.65 19.11 15.83
CA LYS B 132 5.73 20.28 14.96
C LYS B 132 6.67 21.26 15.62
N ASN B 133 7.62 21.78 14.85
CA ASN B 133 8.55 22.81 15.31
C ASN B 133 9.28 22.43 16.60
N GLY B 134 9.65 21.17 16.72
CA GLY B 134 10.44 20.70 17.84
C GLY B 134 9.66 20.34 19.08
N ASP B 135 8.34 20.48 19.06
CA ASP B 135 7.48 20.19 20.20
C ASP B 135 6.62 18.97 19.93
N LEU B 136 6.44 18.13 20.93
CA LEU B 136 5.54 17.00 20.88
C LEU B 136 4.31 17.31 21.74
N HIS B 137 3.14 17.12 21.15
CA HIS B 137 1.85 17.30 21.81
C HIS B 137 1.14 15.96 21.84
N ARG B 138 0.89 15.46 23.05
CA ARG B 138 0.46 14.09 23.25
C ARG B 138 -1.03 13.99 23.53
N GLU B 139 -1.53 12.75 23.47
CA GLU B 139 -2.87 12.37 23.95
C GLU B 139 -3.97 13.19 23.30
N LEU B 140 -3.88 13.35 21.98
CA LEU B 140 -4.83 14.17 21.27
C LEU B 140 -6.15 13.43 21.08
N THR B 141 -7.23 14.16 21.27
CA THR B 141 -8.54 13.67 20.88
C THR B 141 -8.66 13.63 19.36
N GLU B 142 -9.64 12.87 18.87
CA GLU B 142 -9.90 12.86 17.43
C GLU B 142 -10.18 14.26 16.93
N GLU B 143 -10.97 15.03 17.69
CA GLU B 143 -11.33 16.38 17.27
C GLU B 143 -10.11 17.27 17.18
N ALA B 144 -9.21 17.18 18.17
CA ALA B 144 -8.02 18.02 18.18
C ALA B 144 -7.10 17.70 17.01
N LEU B 145 -6.94 16.43 16.69
CA LEU B 145 -6.10 16.09 15.55
C LEU B 145 -6.68 16.68 14.28
N LYS B 146 -7.98 16.51 14.06
CA LYS B 146 -8.60 17.01 12.84
C LYS B 146 -8.45 18.51 12.74
N GLU B 147 -8.63 19.22 13.86
CA GLU B 147 -8.52 20.66 13.88
C GLU B 147 -7.10 21.09 13.55
N MET B 148 -6.11 20.37 14.09
CA MET B 148 -4.71 20.67 13.78
C MET B 148 -4.44 20.49 12.30
N LEU B 149 -4.95 19.42 11.69
CA LEU B 149 -4.72 19.19 10.28
C LEU B 149 -5.38 20.26 9.44
N GLU B 150 -6.63 20.63 9.78
CA GLU B 150 -7.32 21.65 9.02
C GLU B 150 -6.56 22.98 9.09
N ALA B 151 -5.99 23.29 10.25
CA ALA B 151 -5.22 24.52 10.40
C ALA B 151 -3.92 24.45 9.61
N GLU B 152 -3.25 23.30 9.64
CA GLU B 152 -2.07 23.08 8.82
C GLU B 152 -2.43 23.31 7.35
#